data_5E9L
#
_entry.id   5E9L
#
_cell.length_a   80.919
_cell.length_b   96.209
_cell.length_c   57.779
_cell.angle_alpha   90.000
_cell.angle_beta   90.000
_cell.angle_gamma   90.000
#
_symmetry.space_group_name_H-M   'C 2 2 21'
#
loop_
_entity.id
_entity.type
_entity.pdbx_description
1 polymer 'Bromodomain adjacent to zinc finger domain protein 2B'
2 non-polymer 1H-indazol-6-amine
3 water water
#
_entity_poly.entity_id   1
_entity_poly.type   'polypeptide(L)'
_entity_poly.pdbx_seq_one_letter_code
;SMSVKKPKRDDSKDLALCSMILTEMETHEDAWPFLLPVNLKLVPGYKKVIKKPMDFSTIREKLSSGQYPNLETFALDVRL
VFDNCETFNEDDSDIGRAGHNMRKYFEKKWTDTFKV
;
_entity_poly.pdbx_strand_id   A
#
# COMPACT_ATOMS: atom_id res chain seq x y z
N SER A 1 26.09 11.40 11.73
CA SER A 1 27.09 10.38 11.97
C SER A 1 27.19 10.13 13.48
N MET A 2 28.23 9.42 13.91
CA MET A 2 28.40 9.09 15.33
C MET A 2 28.37 10.34 16.21
N SER A 3 27.42 10.36 17.15
CA SER A 3 27.21 11.49 18.07
C SER A 3 26.83 12.79 17.37
N VAL A 4 26.41 12.71 16.11
CA VAL A 4 25.90 13.89 15.41
C VAL A 4 24.48 13.56 15.02
N LYS A 5 23.57 13.96 15.88
CA LYS A 5 22.19 13.55 15.79
C LYS A 5 21.36 14.60 15.08
N LYS A 6 20.74 14.19 14.00
CA LYS A 6 19.77 14.99 13.30
C LYS A 6 18.51 15.06 14.15
N PRO A 7 17.96 16.28 14.33
CA PRO A 7 16.63 16.36 14.94
C PRO A 7 15.67 15.55 14.07
N LYS A 8 14.79 14.78 14.69
CA LYS A 8 13.96 13.87 13.91
C LYS A 8 12.51 13.94 14.39
N ARG A 9 11.57 13.79 13.46
CA ARG A 9 10.15 13.98 13.73
C ARG A 9 9.62 13.07 14.84
N ASP A 10 8.52 13.47 15.46
CA ASP A 10 7.84 12.59 16.41
C ASP A 10 7.16 11.48 15.61
N ASP A 11 7.42 10.23 15.97
CA ASP A 11 6.91 9.11 15.19
C ASP A 11 5.98 8.21 16.00
N SER A 12 5.57 8.68 17.17
CA SER A 12 4.74 7.89 18.08
C SER A 12 3.32 7.68 17.56
N LYS A 13 2.88 8.52 16.64
CA LYS A 13 1.53 8.41 16.07
C LYS A 13 1.50 7.70 14.71
N ASP A 14 2.67 7.37 14.17
CA ASP A 14 2.77 6.81 12.81
C ASP A 14 1.97 5.52 12.64
N LEU A 15 2.05 4.64 13.63
CA LEU A 15 1.37 3.34 13.53
C LEU A 15 -0.13 3.55 13.41
N ALA A 16 -0.68 4.36 14.32
CA ALA A 16 -2.10 4.73 14.31
C ALA A 16 -2.53 5.40 13.01
N LEU A 17 -1.72 6.34 12.53
CA LEU A 17 -2.03 7.09 11.33
C LEU A 17 -2.01 6.21 10.06
N CYS A 18 -1.02 5.33 9.96
CA CYS A 18 -0.98 4.39 8.85
C CYS A 18 -2.20 3.48 8.84
N SER A 19 -2.59 3.02 10.02
CA SER A 19 -3.77 2.18 10.15
C SER A 19 -5.01 2.95 9.70
N MET A 20 -5.05 4.24 10.04
CA MET A 20 -6.17 5.09 9.64
CA MET A 20 -6.17 5.09 9.63
C MET A 20 -6.25 5.20 8.12
N ILE A 21 -5.11 5.49 7.50
CA ILE A 21 -5.03 5.59 6.05
C ILE A 21 -5.40 4.26 5.40
N LEU A 22 -4.89 3.16 5.95
CA LEU A 22 -5.20 1.86 5.38
C LEU A 22 -6.70 1.57 5.46
N THR A 23 -7.33 2.00 6.55
CA THR A 23 -8.78 1.82 6.69
C THR A 23 -9.54 2.58 5.60
N GLU A 24 -9.09 3.78 5.29
CA GLU A 24 -9.73 4.57 4.22
C GLU A 24 -9.56 3.91 2.86
N MET A 25 -8.39 3.31 2.65
CA MET A 25 -8.17 2.52 1.43
C MET A 25 -9.15 1.37 1.34
N GLU A 26 -9.24 0.61 2.43
CA GLU A 26 -10.08 -0.59 2.47
C GLU A 26 -11.55 -0.27 2.19
N THR A 27 -11.97 0.93 2.58
CA THR A 27 -13.38 1.28 2.48
C THR A 27 -13.71 2.07 1.19
N HIS A 28 -12.68 2.41 0.41
CA HIS A 28 -12.88 3.02 -0.90
C HIS A 28 -13.63 2.07 -1.81
N GLU A 29 -14.56 2.59 -2.61
CA GLU A 29 -15.38 1.70 -3.42
C GLU A 29 -14.57 0.99 -4.52
N ASP A 30 -13.45 1.56 -4.93
CA ASP A 30 -12.59 0.92 -5.92
C ASP A 30 -11.50 0.05 -5.27
N ALA A 31 -11.69 -0.32 -4.01
CA ALA A 31 -10.68 -1.15 -3.31
C ALA A 31 -10.81 -2.63 -3.63
N TRP A 32 -11.94 -3.03 -4.22
CA TRP A 32 -12.22 -4.47 -4.37
C TRP A 32 -11.14 -5.31 -5.09
N PRO A 33 -10.37 -4.74 -6.04
CA PRO A 33 -9.35 -5.65 -6.61
C PRO A 33 -8.16 -5.90 -5.69
N PHE A 34 -8.08 -5.22 -4.55
CA PHE A 34 -6.87 -5.18 -3.74
C PHE A 34 -7.07 -5.63 -2.31
N LEU A 35 -8.29 -6.03 -1.97
CA LEU A 35 -8.62 -6.34 -0.59
C LEU A 35 -7.99 -7.65 -0.15
N LEU A 36 -7.90 -8.59 -1.08
CA LEU A 36 -7.41 -9.95 -0.78
C LEU A 36 -6.29 -10.33 -1.73
N PRO A 37 -5.42 -11.27 -1.32
CA PRO A 37 -4.39 -11.76 -2.24
C PRO A 37 -5.00 -12.30 -3.52
N VAL A 38 -4.40 -12.01 -4.66
CA VAL A 38 -4.78 -12.65 -5.93
C VAL A 38 -4.62 -14.16 -5.76
N ASN A 39 -5.62 -14.92 -6.22
CA ASN A 39 -5.58 -16.38 -6.08
C ASN A 39 -4.64 -16.99 -7.11
N LEU A 40 -3.44 -17.36 -6.66
CA LEU A 40 -2.38 -17.81 -7.56
C LEU A 40 -2.69 -19.14 -8.26
N LYS A 41 -3.77 -19.78 -7.85
CA LYS A 41 -4.14 -21.07 -8.43
C LYS A 41 -5.34 -20.92 -9.35
N LEU A 42 -5.90 -19.73 -9.42
CA LEU A 42 -7.01 -19.46 -10.33
C LEU A 42 -6.65 -18.46 -11.41
N VAL A 43 -5.60 -17.68 -11.18
CA VAL A 43 -5.23 -16.63 -12.12
C VAL A 43 -3.96 -16.99 -12.87
N PRO A 44 -4.11 -17.35 -14.16
CA PRO A 44 -2.97 -17.72 -15.01
C PRO A 44 -1.98 -16.59 -15.12
N GLY A 45 -0.68 -16.91 -15.09
CA GLY A 45 0.34 -15.89 -15.26
C GLY A 45 0.81 -15.23 -13.97
N TYR A 46 -0.08 -15.04 -13.01
CA TYR A 46 0.22 -14.12 -11.90
C TYR A 46 1.44 -14.52 -11.08
N LYS A 47 1.52 -15.79 -10.73
CA LYS A 47 2.60 -16.25 -9.86
C LYS A 47 3.96 -16.04 -10.52
N LYS A 48 4.03 -16.32 -11.82
CA LYS A 48 5.29 -16.21 -12.55
C LYS A 48 5.64 -14.75 -12.83
N VAL A 49 4.64 -13.96 -13.15
CA VAL A 49 4.87 -12.58 -13.57
C VAL A 49 5.11 -11.63 -12.39
N ILE A 50 4.31 -11.79 -11.33
CA ILE A 50 4.36 -10.84 -10.22
C ILE A 50 5.23 -11.42 -9.11
N LYS A 51 6.45 -10.91 -9.01
CA LYS A 51 7.42 -11.53 -8.11
C LYS A 51 7.13 -11.26 -6.64
N LYS A 52 6.50 -10.13 -6.32
CA LYS A 52 6.17 -9.82 -4.93
C LYS A 52 4.73 -9.38 -4.82
N PRO A 53 3.81 -10.34 -4.71
CA PRO A 53 2.39 -10.02 -4.59
C PRO A 53 2.11 -9.29 -3.29
N MET A 54 1.16 -8.36 -3.32
CA MET A 54 0.82 -7.63 -2.12
C MET A 54 -0.63 -7.17 -2.24
N ASP A 55 -1.31 -7.04 -1.11
CA ASP A 55 -2.72 -6.65 -1.08
C ASP A 55 -3.03 -6.01 0.27
N PHE A 56 -4.18 -5.35 0.40
CA PHE A 56 -4.47 -4.61 1.62
C PHE A 56 -4.55 -5.50 2.85
N SER A 57 -5.09 -6.70 2.70
CA SER A 57 -5.24 -7.57 3.87
C SER A 57 -3.87 -8.01 4.41
N THR A 58 -2.91 -8.20 3.50
CA THR A 58 -1.56 -8.61 3.90
C THR A 58 -0.86 -7.42 4.57
N ILE A 59 -1.04 -6.23 4.01
CA ILE A 59 -0.51 -5.03 4.65
C ILE A 59 -1.11 -4.83 6.04
N ARG A 60 -2.41 -5.07 6.17
CA ARG A 60 -3.09 -4.93 7.45
C ARG A 60 -2.48 -5.92 8.49
N GLU A 61 -2.24 -7.14 8.05
CA GLU A 61 -1.67 -8.16 8.93
C GLU A 61 -0.24 -7.79 9.36
N LYS A 62 0.58 -7.37 8.40
CA LYS A 62 1.93 -6.90 8.71
C LYS A 62 1.94 -5.67 9.62
N LEU A 63 1.02 -4.74 9.38
CA LEU A 63 0.94 -3.54 10.21
C LEU A 63 0.55 -3.89 11.64
N SER A 64 -0.36 -4.85 11.78
CA SER A 64 -0.90 -5.25 13.08
C SER A 64 0.06 -6.13 13.87
N SER A 65 1.11 -6.62 13.24
CA SER A 65 2.03 -7.56 13.90
C SER A 65 3.45 -7.02 13.94
N GLY A 66 3.59 -5.70 13.79
CA GLY A 66 4.86 -5.02 13.93
C GLY A 66 5.88 -5.36 12.87
N GLN A 67 5.41 -5.65 11.65
CA GLN A 67 6.33 -6.02 10.58
C GLN A 67 6.77 -4.86 9.68
N TYR A 68 6.24 -3.66 9.93
CA TYR A 68 6.80 -2.45 9.31
C TYR A 68 7.71 -1.73 10.30
N PRO A 69 9.01 -1.63 9.97
CA PRO A 69 9.98 -0.93 10.81
C PRO A 69 9.71 0.58 10.88
N ASN A 70 9.17 1.14 9.80
CA ASN A 70 8.91 2.56 9.73
C ASN A 70 7.84 2.91 8.69
N LEU A 71 7.46 4.18 8.63
CA LEU A 71 6.38 4.56 7.73
CA LEU A 71 6.48 4.71 7.69
C LEU A 71 6.72 4.33 6.25
N GLU A 72 7.98 4.48 5.86
CA GLU A 72 8.34 4.32 4.47
C GLU A 72 8.27 2.87 3.98
N THR A 73 8.50 1.91 4.87
CA THR A 73 8.33 0.52 4.46
C THR A 73 6.85 0.22 4.25
N PHE A 74 6.00 0.87 5.03
CA PHE A 74 4.56 0.76 4.85
C PHE A 74 4.15 1.32 3.47
N ALA A 75 4.61 2.53 3.16
CA ALA A 75 4.31 3.15 1.87
C ALA A 75 4.83 2.31 0.69
N LEU A 76 5.98 1.65 0.87
CA LEU A 76 6.51 0.79 -0.17
C LEU A 76 5.56 -0.36 -0.50
N ASP A 77 4.99 -1.00 0.52
CA ASP A 77 4.05 -2.09 0.29
C ASP A 77 2.77 -1.57 -0.38
N VAL A 78 2.24 -0.45 0.09
CA VAL A 78 1.04 0.11 -0.53
C VAL A 78 1.32 0.37 -2.02
N ARG A 79 2.45 0.99 -2.32
CA ARG A 79 2.76 1.32 -3.73
C ARG A 79 2.96 0.05 -4.56
N LEU A 80 3.56 -0.97 -3.94
CA LEU A 80 3.74 -2.27 -4.57
C LEU A 80 2.41 -2.85 -5.07
N VAL A 81 1.35 -2.66 -4.29
CA VAL A 81 0.02 -3.09 -4.69
C VAL A 81 -0.35 -2.49 -6.05
N PHE A 82 -0.11 -1.19 -6.20
CA PHE A 82 -0.52 -0.50 -7.43
C PHE A 82 0.47 -0.72 -8.57
N ASP A 83 1.74 -0.91 -8.22
CA ASP A 83 2.74 -1.26 -9.24
C ASP A 83 2.46 -2.64 -9.83
N ASN A 84 2.07 -3.59 -8.98
CA ASN A 84 1.68 -4.92 -9.47
C ASN A 84 0.45 -4.81 -10.36
N CYS A 85 -0.50 -3.98 -9.94
CA CYS A 85 -1.75 -3.83 -10.68
C CYS A 85 -1.45 -3.33 -12.09
N GLU A 86 -0.54 -2.37 -12.19
CA GLU A 86 -0.17 -1.82 -13.51
C GLU A 86 0.56 -2.84 -14.35
N THR A 87 1.36 -3.68 -13.70
CA THR A 87 2.12 -4.71 -14.42
C THR A 87 1.19 -5.71 -15.09
N PHE A 88 0.08 -6.03 -14.43
CA PHE A 88 -0.75 -7.14 -14.89
C PHE A 88 -2.04 -6.72 -15.59
N ASN A 89 -2.38 -5.44 -15.49
CA ASN A 89 -3.65 -4.98 -16.04
C ASN A 89 -3.50 -3.81 -17.00
N GLU A 90 -4.28 -3.82 -18.08
CA GLU A 90 -4.32 -2.70 -19.01
CA GLU A 90 -4.34 -2.72 -19.02
C GLU A 90 -4.90 -1.47 -18.33
N ASP A 91 -4.38 -0.30 -18.67
CA ASP A 91 -4.91 0.95 -18.12
C ASP A 91 -6.40 1.10 -18.43
N ASP A 92 -6.79 0.67 -19.62
CA ASP A 92 -8.16 0.74 -20.08
C ASP A 92 -8.92 -0.52 -19.69
N SER A 93 -8.93 -0.82 -18.39
CA SER A 93 -9.74 -1.90 -17.84
C SER A 93 -10.28 -1.42 -16.51
N ASP A 94 -11.29 -2.11 -15.98
CA ASP A 94 -11.86 -1.73 -14.69
C ASP A 94 -10.82 -1.79 -13.58
N ILE A 95 -10.12 -2.92 -13.48
CA ILE A 95 -9.09 -3.09 -12.46
C ILE A 95 -7.96 -2.09 -12.69
N GLY A 96 -7.56 -1.91 -13.95
CA GLY A 96 -6.52 -0.96 -14.29
C GLY A 96 -6.83 0.46 -13.80
N ARG A 97 -8.04 0.93 -14.12
CA ARG A 97 -8.52 2.24 -13.66
C ARG A 97 -8.56 2.34 -12.15
N ALA A 98 -9.05 1.27 -11.50
CA ALA A 98 -9.13 1.22 -10.04
C ALA A 98 -7.77 1.46 -9.42
N GLY A 99 -6.75 0.85 -10.00
CA GLY A 99 -5.41 1.00 -9.47
C GLY A 99 -4.92 2.43 -9.54
N HIS A 100 -5.09 3.06 -10.69
CA HIS A 100 -4.70 4.46 -10.81
C HIS A 100 -5.46 5.32 -9.80
N ASN A 101 -6.78 5.11 -9.70
CA ASN A 101 -7.60 5.85 -8.76
C ASN A 101 -7.12 5.67 -7.30
N MET A 102 -6.86 4.43 -6.92
CA MET A 102 -6.44 4.15 -5.54
C MET A 102 -5.05 4.69 -5.25
N ARG A 103 -4.17 4.69 -6.25
CA ARG A 103 -2.83 5.23 -6.05
C ARG A 103 -2.91 6.73 -5.78
N LYS A 104 -3.64 7.44 -6.64
CA LYS A 104 -3.84 8.88 -6.45
C LYS A 104 -4.42 9.14 -5.07
N TYR A 105 -5.47 8.40 -4.73
CA TYR A 105 -6.13 8.52 -3.43
C TYR A 105 -5.13 8.37 -2.27
N PHE A 106 -4.29 7.35 -2.34
CA PHE A 106 -3.27 7.12 -1.30
C PHE A 106 -2.25 8.23 -1.17
N GLU A 107 -1.71 8.67 -2.30
CA GLU A 107 -0.60 9.61 -2.26
C GLU A 107 -1.03 10.96 -1.73
N LYS A 108 -2.28 11.35 -1.96
CA LYS A 108 -2.77 12.60 -1.37
C LYS A 108 -2.90 12.47 0.14
N LYS A 109 -3.43 11.33 0.59
CA LYS A 109 -3.57 11.09 2.03
C LYS A 109 -2.22 11.01 2.69
N TRP A 110 -1.26 10.41 2.01
CA TRP A 110 0.10 10.32 2.50
C TRP A 110 0.70 11.70 2.71
N THR A 111 0.61 12.54 1.68
CA THR A 111 1.10 13.90 1.74
C THR A 111 0.39 14.74 2.80
N ASP A 112 -0.93 14.65 2.84
CA ASP A 112 -1.72 15.41 3.80
C ASP A 112 -1.48 15.00 5.24
N THR A 113 -1.18 13.72 5.46
CA THR A 113 -1.03 13.20 6.81
C THR A 113 0.38 13.44 7.37
N PHE A 114 1.41 13.35 6.54
CA PHE A 114 2.76 13.29 7.07
C PHE A 114 3.66 14.45 6.65
N LYS A 115 3.70 14.77 5.37
CA LYS A 115 4.51 15.90 4.93
C LYS A 115 3.84 17.19 5.39
N VAL A 116 4.05 17.50 6.67
CA VAL A 116 3.31 18.52 7.44
C VAL A 116 1.90 18.76 6.91
#